data_6QCH
#
_entry.id   6QCH
#
_cell.length_a   91.387
_cell.length_b   91.387
_cell.length_c   143.806
_cell.angle_alpha   90.00
_cell.angle_beta   90.00
_cell.angle_gamma   120.00
#
_symmetry.space_group_name_H-M   'P 63'
#
loop_
_entity.id
_entity.type
_entity.pdbx_description
1 polymer 'NAD-dependent protein deacetylase sirtuin-6'
2 non-polymer '[(2R,3S,4R,5R)-5-(6-AMINOPURIN-9-YL)-3,4-DIHYDROXY-OXOLAN-2-YL]METHYL [HYDROXY-[[(2R,3S,4R,5S)-3,4,5-TRIHYDROXYOXOLAN-2-YL]METHOXY]PHOSPHORYL] HYDROGEN PHOSPHATE'
3 non-polymer 'ZINC ION'
4 non-polymer 1,2-ETHANEDIOL
5 non-polymer 'SULFATE ION'
6 non-polymer cyanidin
7 water water
#
_entity_poly.entity_id   1
_entity_poly.type   'polypeptide(L)'
_entity_poly.pdbx_seq_one_letter_code
;GIDPFTADKGKCGLPEIFDPPEELERKVWELARLVWQSSSVVFHTGAGISTASGIPDFRGPHGVWTMEERGLAPKFDTTF
ESARPTQTHMALVQLERVGLLRFLVSQNVDGLHVRSGFPRDKLAELHGNMFVEECAKCKTQYVRDTVVGTMGLKATGRLC
TVAKARGLRACRGELRDTILDWEDSLPDRDLALADEASRNADLSITLGTSLQIRPSGNLPLATKRRGGRLVIVNLQPTKH
DRHADLRIHGYVDEVMTRLMKHLGLEIPAWDGPRVLERALPPLPRPPTPKLEPKEESPTRIN
;
_entity_poly.pdbx_strand_id   A,B
#
loop_
_chem_comp.id
_chem_comp.type
_chem_comp.name
_chem_comp.formula
AR6 non-polymer '[(2R,3S,4R,5R)-5-(6-AMINOPURIN-9-YL)-3,4-DIHYDROXY-OXOLAN-2-YL]METHYL [HYDROXY-[[(2R,3S,4R,5S)-3,4,5-TRIHYDROXYOXOLAN-2-YL]METHOXY]PHOSPHORYL] HYDROGEN PHOSPHATE' 'C15 H23 N5 O14 P2'
EDO non-polymer 1,2-ETHANEDIOL 'C2 H6 O2'
HWB non-polymer cyanidin 'C15 H11 O6 1'
SO4 non-polymer 'SULFATE ION' 'O4 S -2'
ZN non-polymer 'ZINC ION' 'Zn 2'
#
# COMPACT_ATOMS: atom_id res chain seq x y z
N PRO A 4 22.60 4.52 17.01
CA PRO A 4 22.26 3.07 16.98
C PRO A 4 22.56 2.35 18.30
N PHE A 5 23.38 2.98 19.16
CA PHE A 5 23.73 2.52 20.53
C PHE A 5 23.38 3.56 21.57
N THR A 6 23.85 4.78 21.34
CA THR A 6 23.69 5.97 22.21
C THR A 6 22.20 6.36 22.18
N ALA A 7 21.58 6.28 20.99
CA ALA A 7 20.13 6.51 20.74
C ALA A 7 19.30 5.75 21.78
N ASP A 8 18.38 6.47 22.44
CA ASP A 8 17.25 5.89 23.22
C ASP A 8 15.96 5.99 22.39
N LYS A 9 15.30 4.85 22.23
CA LYS A 9 14.36 4.50 21.13
C LYS A 9 12.93 4.60 21.66
N GLY A 10 12.77 5.07 22.89
CA GLY A 10 11.49 5.21 23.61
C GLY A 10 10.87 3.85 23.82
N LYS A 11 9.54 3.76 23.97
CA LYS A 11 8.89 2.45 24.20
C LYS A 11 8.50 1.82 22.86
N CYS A 12 8.72 0.53 22.73
CA CYS A 12 8.71 -0.15 21.41
C CYS A 12 7.84 -1.39 21.59
N GLY A 13 6.93 -1.71 20.65
CA GLY A 13 6.17 -2.98 20.65
C GLY A 13 5.08 -3.03 21.70
N LEU A 14 4.57 -1.88 22.17
CA LEU A 14 3.32 -1.87 22.97
C LEU A 14 2.15 -2.50 22.20
N PRO A 15 1.18 -2.98 23.01
CA PRO A 15 0.00 -3.67 22.47
C PRO A 15 -0.88 -2.75 21.62
N GLU A 16 -1.47 -3.31 20.57
CA GLU A 16 -2.39 -2.53 19.70
C GLU A 16 -3.73 -2.44 20.39
N ILE A 17 -4.47 -1.36 20.15
CA ILE A 17 -5.89 -1.27 20.58
C ILE A 17 -6.73 -1.16 19.28
N PHE A 18 -7.86 -1.85 19.23
CA PHE A 18 -8.91 -1.71 18.19
C PHE A 18 -10.18 -1.27 18.88
N ASP A 19 -10.67 -0.07 18.52
CA ASP A 19 -12.04 0.34 18.91
C ASP A 19 -13.01 -0.64 18.27
N PRO A 20 -14.10 -1.08 18.93
CA PRO A 20 -15.09 -1.91 18.27
C PRO A 20 -15.83 -1.10 17.20
N PRO A 21 -16.34 -1.77 16.15
CA PRO A 21 -16.83 -1.07 14.96
C PRO A 21 -17.88 0.04 15.16
N GLU A 22 -18.76 -0.05 16.16
CA GLU A 22 -19.83 0.97 16.42
C GLU A 22 -19.22 2.17 17.15
N GLU A 23 -18.19 1.94 17.97
CA GLU A 23 -17.42 3.02 18.64
C GLU A 23 -16.56 3.74 17.61
N LEU A 24 -15.93 2.98 16.72
CA LEU A 24 -15.12 3.53 15.60
C LEU A 24 -15.99 4.45 14.72
N GLU A 25 -17.13 3.94 14.21
CA GLU A 25 -18.16 4.75 13.48
C GLU A 25 -18.58 6.01 14.25
N ARG A 26 -18.91 5.88 15.54
CA ARG A 26 -19.31 7.05 16.38
C ARG A 26 -18.14 8.05 16.38
N LYS A 27 -16.95 7.57 16.68
CA LYS A 27 -15.77 8.47 16.88
C LYS A 27 -15.45 9.15 15.53
N VAL A 28 -15.62 8.49 14.39
CA VAL A 28 -15.26 9.17 13.12
C VAL A 28 -16.32 10.25 12.79
N TRP A 29 -17.56 10.10 13.21
CA TRP A 29 -18.58 11.17 13.08
C TRP A 29 -18.16 12.39 13.91
N GLU A 30 -17.74 12.18 15.15
CA GLU A 30 -17.22 13.27 16.01
C GLU A 30 -15.97 13.91 15.41
N LEU A 31 -15.15 13.15 14.68
CA LEU A 31 -13.99 13.77 14.01
C LEU A 31 -14.49 14.66 12.86
N ALA A 32 -15.47 14.23 12.10
CA ALA A 32 -16.20 15.07 11.12
C ALA A 32 -16.73 16.39 11.72
N ARG A 33 -17.53 16.29 12.78
CA ARG A 33 -18.14 17.42 13.52
C ARG A 33 -17.07 18.44 13.90
N LEU A 34 -15.91 17.97 14.40
CA LEU A 34 -14.79 18.86 14.84
C LEU A 34 -14.14 19.51 13.63
N VAL A 35 -13.98 18.77 12.53
CA VAL A 35 -13.37 19.36 11.31
C VAL A 35 -14.30 20.46 10.82
N TRP A 36 -15.60 20.19 10.79
CA TRP A 36 -16.64 21.18 10.40
C TRP A 36 -16.63 22.40 11.33
N GLN A 37 -16.44 22.22 12.63
CA GLN A 37 -16.50 23.35 13.60
C GLN A 37 -15.22 24.19 13.53
N SER A 38 -14.15 23.73 12.88
CA SER A 38 -12.82 24.34 13.11
C SER A 38 -12.49 25.40 12.10
N SER A 39 -11.68 26.36 12.50
CA SER A 39 -11.24 27.42 11.57
C SER A 39 -9.84 27.09 11.04
N SER A 40 -9.00 26.49 11.87
CA SER A 40 -7.63 26.17 11.45
C SER A 40 -7.28 24.73 11.81
N VAL A 41 -7.17 23.83 10.84
CA VAL A 41 -6.86 22.40 11.10
C VAL A 41 -5.43 22.07 10.66
N VAL A 42 -4.68 21.46 11.56
CA VAL A 42 -3.31 20.96 11.37
C VAL A 42 -3.30 19.46 11.63
N PHE A 43 -2.57 18.80 10.76
CA PHE A 43 -2.42 17.34 10.72
C PHE A 43 -0.99 17.14 11.02
N HIS A 44 -0.76 16.14 11.86
CA HIS A 44 0.57 15.65 12.32
C HIS A 44 0.72 14.20 11.89
N THR A 45 1.69 13.85 11.04
CA THR A 45 1.81 12.45 10.59
C THR A 45 3.14 11.88 10.99
N GLY A 46 3.12 10.56 11.26
CA GLY A 46 4.28 9.72 11.55
C GLY A 46 4.14 8.44 10.70
N ALA A 47 5.00 7.47 11.00
CA ALA A 47 5.41 6.34 10.17
C ALA A 47 4.22 5.39 9.89
N GLY A 48 3.21 5.39 10.77
CA GLY A 48 1.98 4.60 10.74
C GLY A 48 1.11 4.98 9.58
N ILE A 49 1.28 6.18 8.94
CA ILE A 49 0.52 6.39 7.67
C ILE A 49 1.18 5.70 6.46
N SER A 50 2.31 4.99 6.57
CA SER A 50 3.00 4.53 5.34
C SER A 50 3.12 3.01 5.45
N THR A 51 2.63 2.46 6.56
CA THR A 51 2.66 1.01 6.80
C THR A 51 1.83 0.30 5.72
N ALA A 52 0.67 0.86 5.32
CA ALA A 52 -0.21 0.29 4.27
C ALA A 52 0.44 0.44 2.88
N SER A 53 1.62 1.10 2.75
CA SER A 53 2.42 1.17 1.51
C SER A 53 3.61 0.17 1.53
N GLY A 54 3.81 -0.63 2.57
CA GLY A 54 4.91 -1.62 2.64
C GLY A 54 6.11 -1.14 3.43
N ILE A 55 6.03 0.07 3.94
CA ILE A 55 7.15 0.66 4.71
C ILE A 55 6.88 0.44 6.19
N PRO A 56 7.76 -0.27 6.90
CA PRO A 56 7.55 -0.54 8.28
C PRO A 56 7.70 0.71 9.13
N ASP A 57 7.04 0.73 10.27
CA ASP A 57 7.17 1.83 11.24
C ASP A 57 8.36 1.62 12.18
N PHE A 58 8.49 2.43 13.21
CA PHE A 58 9.63 2.33 14.13
C PHE A 58 9.28 1.46 15.36
N ARG A 59 8.14 1.70 15.96
CA ARG A 59 7.87 1.24 17.33
C ARG A 59 6.59 0.39 17.37
N GLY A 60 5.96 0.13 16.24
CA GLY A 60 4.81 -0.81 16.14
C GLY A 60 5.28 -2.24 16.31
N PRO A 61 4.37 -3.24 16.29
CA PRO A 61 4.76 -4.59 16.63
C PRO A 61 5.91 -5.16 15.80
N HIS A 62 5.98 -4.82 14.50
CA HIS A 62 7.10 -5.14 13.59
C HIS A 62 7.87 -3.87 13.22
N GLY A 63 7.90 -2.88 14.09
CA GLY A 63 8.68 -1.67 13.77
C GLY A 63 10.16 -1.95 13.73
N VAL A 64 10.88 -1.11 12.99
CA VAL A 64 12.36 -1.11 12.86
C VAL A 64 13.00 -1.32 14.25
N TRP A 65 12.70 -0.47 15.23
CA TRP A 65 13.29 -0.58 16.58
C TRP A 65 12.69 -1.78 17.30
N THR A 66 11.38 -1.99 17.28
CA THR A 66 10.82 -3.18 17.97
C THR A 66 11.58 -4.43 17.54
N MET A 67 11.76 -4.63 16.23
CA MET A 67 12.38 -5.88 15.70
C MET A 67 13.84 -5.92 16.16
N GLU A 68 14.56 -4.82 16.00
CA GLU A 68 15.93 -4.67 16.52
C GLU A 68 16.02 -5.14 17.98
N GLU A 69 15.08 -4.75 18.83
CA GLU A 69 15.09 -5.16 20.28
C GLU A 69 15.05 -6.68 20.38
N ARG A 70 14.36 -7.37 19.47
CA ARG A 70 14.17 -8.85 19.59
C ARG A 70 15.22 -9.55 18.72
N GLY A 71 16.19 -8.83 18.18
CA GLY A 71 17.23 -9.37 17.28
C GLY A 71 16.69 -9.77 15.90
N LEU A 72 15.59 -9.21 15.42
CA LEU A 72 15.11 -9.57 14.04
C LEU A 72 15.23 -8.35 13.13
N ALA A 73 15.00 -8.46 11.82
CA ALA A 73 15.08 -7.31 10.89
C ALA A 73 13.67 -6.77 10.70
N PRO A 74 13.47 -5.47 10.42
CA PRO A 74 12.17 -5.03 9.93
C PRO A 74 12.07 -5.55 8.49
N LYS A 75 10.90 -5.55 7.90
CA LYS A 75 10.75 -5.99 6.48
C LYS A 75 10.06 -4.88 5.66
N PHE A 76 10.65 -4.53 4.52
CA PHE A 76 10.09 -3.66 3.46
C PHE A 76 9.44 -4.52 2.36
N ASP A 77 8.22 -4.14 1.96
CA ASP A 77 7.44 -4.81 0.88
C ASP A 77 7.49 -3.90 -0.36
N THR A 78 8.34 -2.89 -0.29
CA THR A 78 8.58 -1.91 -1.36
C THR A 78 9.95 -1.23 -1.19
N THR A 79 10.53 -0.63 -2.24
CA THR A 79 11.56 0.42 -2.11
C THR A 79 10.89 1.77 -1.81
N PHE A 80 11.69 2.73 -1.38
CA PHE A 80 11.18 4.09 -1.23
C PHE A 80 10.71 4.55 -2.61
N GLU A 81 11.52 4.32 -3.65
CA GLU A 81 11.22 4.76 -5.06
C GLU A 81 9.91 4.17 -5.58
N SER A 82 9.60 2.90 -5.29
CA SER A 82 8.38 2.24 -5.85
C SER A 82 7.18 2.32 -4.89
N ALA A 83 7.34 2.93 -3.71
CA ALA A 83 6.23 3.13 -2.73
C ALA A 83 5.17 4.06 -3.32
N ARG A 84 3.88 3.67 -3.18
CA ARG A 84 2.78 4.53 -3.64
C ARG A 84 2.17 5.17 -2.40
N PRO A 85 1.91 6.49 -2.41
CA PRO A 85 1.12 7.12 -1.34
C PRO A 85 -0.16 6.34 -1.02
N THR A 86 -0.55 6.28 0.27
CA THR A 86 -1.76 5.64 0.79
C THR A 86 -2.96 6.57 0.53
N GLN A 87 -4.13 5.98 0.65
CA GLN A 87 -5.41 6.66 0.88
C GLN A 87 -5.29 7.82 1.89
N THR A 88 -4.72 7.60 3.06
CA THR A 88 -4.43 8.70 4.02
C THR A 88 -3.68 9.83 3.30
N HIS A 89 -2.56 9.52 2.64
CA HIS A 89 -1.75 10.50 1.89
C HIS A 89 -2.60 11.31 0.90
N MET A 90 -3.39 10.64 0.07
CA MET A 90 -4.25 11.27 -0.92
C MET A 90 -5.43 11.96 -0.23
N ALA A 91 -5.96 11.48 0.92
CA ALA A 91 -7.02 12.18 1.62
C ALA A 91 -6.51 13.59 1.98
N LEU A 92 -5.29 13.67 2.49
CA LEU A 92 -4.64 14.94 3.00
C LEU A 92 -4.42 15.95 1.85
N VAL A 93 -4.08 15.45 0.65
CA VAL A 93 -3.91 16.24 -0.59
C VAL A 93 -5.22 16.97 -0.88
N GLN A 94 -6.32 16.22 -0.86
CA GLN A 94 -7.65 16.76 -1.15
C GLN A 94 -8.07 17.73 -0.07
N LEU A 95 -7.86 17.40 1.17
CA LEU A 95 -8.31 18.25 2.30
C LEU A 95 -7.58 19.59 2.23
N GLU A 96 -6.29 19.60 1.91
CA GLU A 96 -5.59 20.87 1.56
C GLU A 96 -6.26 21.52 0.33
N ARG A 97 -6.68 20.82 -0.71
CA ARG A 97 -7.02 21.52 -1.95
C ARG A 97 -8.35 22.26 -1.72
N VAL A 98 -9.23 21.72 -0.89
CA VAL A 98 -10.56 22.33 -0.65
C VAL A 98 -10.53 23.22 0.60
N GLY A 99 -9.34 23.50 1.15
CA GLY A 99 -9.06 24.50 2.22
C GLY A 99 -9.41 24.01 3.61
N LEU A 100 -9.58 22.70 3.82
CA LEU A 100 -9.95 22.17 5.15
C LEU A 100 -8.76 21.84 6.02
N LEU A 101 -7.54 21.77 5.45
CA LEU A 101 -6.26 21.57 6.15
C LEU A 101 -5.48 22.88 5.99
N ARG A 102 -5.04 23.50 7.07
CA ARG A 102 -4.18 24.71 6.99
C ARG A 102 -2.72 24.29 6.79
N PHE A 103 -2.29 23.20 7.43
CA PHE A 103 -0.88 22.85 7.46
C PHE A 103 -0.68 21.40 7.89
N LEU A 104 0.38 20.85 7.35
CA LEU A 104 0.73 19.43 7.60
C LEU A 104 2.13 19.37 8.18
N VAL A 105 2.28 18.73 9.36
CA VAL A 105 3.60 18.54 10.01
C VAL A 105 3.92 17.05 10.05
N SER A 106 5.05 16.64 9.48
CA SER A 106 5.41 15.21 9.33
C SER A 106 6.83 14.98 9.81
N GLN A 107 6.91 13.96 10.61
CA GLN A 107 8.15 13.30 11.04
C GLN A 107 8.66 12.34 9.99
N ASN A 108 7.91 12.04 8.92
CA ASN A 108 8.33 11.01 7.92
C ASN A 108 9.38 11.50 6.97
N VAL A 109 10.40 10.64 6.83
CA VAL A 109 11.56 10.89 5.96
C VAL A 109 11.30 10.15 4.64
N ASP A 110 10.18 9.44 4.54
CA ASP A 110 9.90 8.50 3.40
C ASP A 110 9.61 9.23 2.08
N GLY A 111 9.51 10.57 2.02
CA GLY A 111 9.22 11.23 0.76
C GLY A 111 7.79 11.14 0.23
N LEU A 112 6.82 10.52 0.89
CA LEU A 112 5.54 10.22 0.22
C LEU A 112 4.64 11.44 0.16
N HIS A 113 4.65 12.30 1.18
CA HIS A 113 3.83 13.53 1.15
C HIS A 113 4.18 14.25 -0.13
N VAL A 114 5.48 14.50 -0.34
CA VAL A 114 5.94 15.42 -1.41
C VAL A 114 5.60 14.75 -2.73
N ARG A 115 5.80 13.44 -2.81
CA ARG A 115 5.62 12.73 -4.10
C ARG A 115 4.12 12.60 -4.38
N SER A 116 3.30 12.71 -3.34
CA SER A 116 1.81 12.66 -3.43
C SER A 116 1.23 13.88 -4.15
N GLY A 117 1.97 14.96 -4.30
CA GLY A 117 1.50 16.23 -4.88
C GLY A 117 1.24 17.23 -3.77
N PHE A 118 1.58 16.92 -2.50
CA PHE A 118 1.18 17.80 -1.38
C PHE A 118 2.01 19.08 -1.46
N PRO A 119 1.44 20.29 -1.39
CA PRO A 119 2.28 21.49 -1.54
C PRO A 119 3.27 21.66 -0.39
N ARG A 120 4.52 21.88 -0.78
CA ARG A 120 5.73 21.96 0.09
C ARG A 120 5.67 23.18 0.99
N ASP A 121 5.04 24.26 0.52
CA ASP A 121 4.85 25.50 1.33
C ASP A 121 3.73 25.29 2.35
N LYS A 122 3.06 24.14 2.41
CA LYS A 122 2.12 23.86 3.55
C LYS A 122 2.60 22.65 4.38
N LEU A 123 3.81 22.21 4.11
CA LEU A 123 4.34 20.99 4.73
C LEU A 123 5.61 21.25 5.52
N ALA A 124 5.73 20.65 6.68
CA ALA A 124 7.00 20.72 7.44
C ALA A 124 7.52 19.29 7.56
N GLU A 125 8.76 19.05 7.16
CA GLU A 125 9.34 17.70 7.27
C GLU A 125 10.42 17.81 8.35
N LEU A 126 9.99 17.63 9.58
CA LEU A 126 10.79 17.84 10.81
C LEU A 126 12.07 16.99 10.77
N HIS A 127 12.06 15.78 10.19
CA HIS A 127 13.20 14.83 10.28
C HIS A 127 13.94 14.76 8.95
N GLY A 128 13.53 15.57 7.96
CA GLY A 128 14.10 15.64 6.62
C GLY A 128 13.37 14.72 5.65
N ASN A 129 13.93 14.54 4.47
CA ASN A 129 13.28 13.88 3.31
C ASN A 129 14.35 13.13 2.57
N MET A 130 14.20 11.80 2.47
CA MET A 130 15.28 11.00 1.85
C MET A 130 15.55 11.36 0.38
N PHE A 131 14.64 12.04 -0.32
CA PHE A 131 14.79 12.38 -1.77
C PHE A 131 15.25 13.83 -1.93
N VAL A 132 15.49 14.52 -0.81
CA VAL A 132 15.81 15.97 -0.82
C VAL A 132 17.27 16.17 -0.43
N GLU A 133 18.02 16.85 -1.31
CA GLU A 133 19.37 17.32 -0.92
C GLU A 133 19.36 18.84 -1.01
N GLU A 134 20.26 19.43 -0.22
CA GLU A 134 20.30 20.87 0.09
C GLU A 134 21.74 21.39 -0.04
N CYS A 135 21.90 22.54 -0.69
CA CYS A 135 23.22 23.21 -0.87
C CYS A 135 23.59 23.84 0.48
N ALA A 136 24.79 23.52 0.95
CA ALA A 136 25.35 24.10 2.18
C ALA A 136 25.51 25.60 1.96
N LYS A 137 25.83 26.02 0.73
CA LYS A 137 26.09 27.44 0.46
C LYS A 137 24.80 28.25 0.28
N CYS A 138 24.04 28.04 -0.80
CA CYS A 138 22.80 28.83 -1.03
C CYS A 138 21.58 28.28 -0.27
N LYS A 139 21.64 27.08 0.32
CA LYS A 139 20.46 26.43 0.96
C LYS A 139 19.41 26.04 -0.08
N THR A 140 19.75 25.97 -1.37
CA THR A 140 18.79 25.55 -2.43
C THR A 140 18.54 24.04 -2.25
N GLN A 141 17.28 23.62 -2.23
CA GLN A 141 16.84 22.20 -2.05
C GLN A 141 16.55 21.57 -3.41
N TYR A 142 16.89 20.30 -3.60
CA TYR A 142 16.70 19.53 -4.86
C TYR A 142 15.84 18.31 -4.51
N VAL A 143 14.66 18.16 -5.12
CA VAL A 143 13.79 16.96 -4.93
C VAL A 143 14.11 16.02 -6.06
N ARG A 144 14.76 14.88 -5.78
CA ARG A 144 15.26 13.90 -6.78
C ARG A 144 14.20 12.80 -6.99
N ASP A 145 14.26 12.06 -8.11
CA ASP A 145 13.36 10.90 -8.38
C ASP A 145 13.87 9.69 -7.60
N THR A 146 15.10 9.72 -7.07
CA THR A 146 15.69 8.56 -6.34
C THR A 146 16.19 9.07 -5.00
N VAL A 147 16.25 8.17 -4.00
CA VAL A 147 16.77 8.43 -2.63
C VAL A 147 18.22 8.90 -2.70
N VAL A 148 18.50 9.90 -1.89
CA VAL A 148 19.83 10.55 -1.73
C VAL A 148 20.60 9.59 -0.80
N GLY A 149 21.79 9.16 -1.20
CA GLY A 149 22.43 7.90 -0.77
C GLY A 149 23.10 7.98 0.60
N THR A 150 22.91 9.07 1.35
CA THR A 150 23.58 9.34 2.65
C THR A 150 22.56 9.90 3.66
N MET A 151 22.85 9.71 4.94
CA MET A 151 22.03 10.16 6.10
C MET A 151 22.96 10.91 7.05
N GLY A 152 22.45 11.85 7.84
CA GLY A 152 23.22 12.63 8.85
C GLY A 152 23.81 13.93 8.33
N LEU A 153 23.25 14.50 7.24
CA LEU A 153 23.62 15.84 6.68
C LEU A 153 25.06 15.79 6.15
N LYS A 154 25.40 14.69 5.46
CA LYS A 154 26.71 14.40 4.82
C LYS A 154 26.74 14.89 3.37
N ALA A 155 27.95 15.06 2.82
CA ALA A 155 28.20 15.29 1.38
C ALA A 155 27.60 14.11 0.59
N THR A 156 26.79 14.37 -0.44
CA THR A 156 26.21 13.30 -1.33
C THR A 156 27.18 13.00 -2.48
N GLY A 157 28.03 13.96 -2.83
CA GLY A 157 28.91 13.90 -4.00
C GLY A 157 28.49 14.94 -5.03
N ARG A 158 27.28 15.52 -4.91
CA ARG A 158 26.73 16.35 -6.01
C ARG A 158 26.91 17.84 -5.70
N LEU A 159 27.09 18.66 -6.74
CA LEU A 159 27.28 20.13 -6.59
C LEU A 159 26.00 20.88 -6.98
N CYS A 160 25.87 22.10 -6.45
CA CYS A 160 24.76 23.05 -6.72
C CYS A 160 24.84 23.60 -8.15
N THR A 161 23.69 23.77 -8.82
CA THR A 161 23.60 24.10 -10.25
C THR A 161 22.82 25.41 -10.41
N VAL A 162 22.97 26.36 -9.47
CA VAL A 162 22.17 27.62 -9.41
C VAL A 162 22.89 28.73 -10.19
N ALA A 163 22.12 29.55 -10.92
CA ALA A 163 22.53 30.78 -11.65
C ALA A 163 24.01 30.69 -12.05
N CYS A 171 27.22 28.52 -8.88
CA CYS A 171 27.20 28.46 -7.39
C CYS A 171 28.09 27.32 -6.91
N ARG A 172 27.84 26.08 -7.37
CA ARG A 172 28.74 24.89 -7.24
C ARG A 172 28.90 24.43 -5.78
N GLY A 173 28.06 24.95 -4.88
CA GLY A 173 28.01 24.53 -3.46
C GLY A 173 27.90 23.02 -3.36
N GLU A 174 28.46 22.45 -2.28
CA GLU A 174 28.41 21.01 -1.91
C GLU A 174 26.96 20.67 -1.49
N LEU A 175 26.42 19.58 -2.04
CA LEU A 175 25.05 19.08 -1.79
C LEU A 175 25.11 18.02 -0.69
N ARG A 176 24.13 18.05 0.19
CA ARG A 176 24.09 17.20 1.41
C ARG A 176 22.65 16.75 1.64
N ASP A 177 22.45 15.62 2.34
CA ASP A 177 21.12 15.04 2.68
C ASP A 177 20.47 15.90 3.76
N THR A 178 19.16 15.70 3.94
CA THR A 178 18.32 16.41 4.91
C THR A 178 18.01 15.48 6.09
N ILE A 179 18.48 14.24 6.08
CA ILE A 179 18.16 13.26 7.16
C ILE A 179 19.00 13.56 8.43
N LEU A 180 18.33 14.15 9.45
CA LEU A 180 18.81 14.38 10.84
C LEU A 180 19.43 13.10 11.40
N ASP A 181 20.63 13.22 11.99
CA ASP A 181 21.17 12.23 12.98
C ASP A 181 20.47 12.43 14.32
N TRP A 182 20.65 11.50 15.27
CA TRP A 182 20.10 11.63 16.64
C TRP A 182 20.49 12.97 17.31
N GLU A 183 21.68 13.53 17.03
CA GLU A 183 22.21 14.73 17.77
C GLU A 183 21.86 16.03 17.06
N ASP A 184 21.45 15.96 15.79
CA ASP A 184 21.16 17.12 14.92
C ASP A 184 19.95 17.90 15.41
N SER A 185 20.05 19.23 15.47
CA SER A 185 18.89 20.16 15.60
C SER A 185 17.93 19.95 14.42
N LEU A 186 16.62 20.04 14.66
CA LEU A 186 15.55 20.09 13.62
C LEU A 186 15.72 21.33 12.72
N PRO A 187 15.40 21.25 11.42
CA PRO A 187 15.52 22.40 10.51
C PRO A 187 14.68 23.57 11.05
N ASP A 188 15.27 24.76 11.03
CA ASP A 188 14.76 25.95 11.77
C ASP A 188 13.49 26.44 11.09
N ARG A 189 13.47 26.45 9.77
CA ARG A 189 12.33 26.92 8.95
C ARG A 189 11.14 26.03 9.27
N ASP A 190 11.28 24.72 9.03
CA ASP A 190 10.22 23.71 9.23
C ASP A 190 9.70 23.77 10.67
N LEU A 191 10.59 23.79 11.66
CA LEU A 191 10.12 23.79 13.07
C LEU A 191 9.40 25.12 13.36
N ALA A 192 9.94 26.24 12.89
CA ALA A 192 9.32 27.57 13.09
C ALA A 192 7.90 27.55 12.56
N LEU A 193 7.70 27.12 11.31
CA LEU A 193 6.34 27.11 10.68
C LEU A 193 5.47 26.06 11.41
N ALA A 194 5.98 24.87 11.75
CA ALA A 194 5.11 23.82 12.36
C ALA A 194 4.62 24.32 13.72
N ASP A 195 5.53 24.94 14.47
CA ASP A 195 5.22 25.53 15.80
C ASP A 195 4.15 26.62 15.63
N GLU A 196 4.36 27.57 14.73
CA GLU A 196 3.34 28.63 14.49
C GLU A 196 2.01 27.98 14.09
N ALA A 197 1.95 27.15 13.05
CA ALA A 197 0.67 26.49 12.66
C ALA A 197 0.07 25.79 13.87
N SER A 198 0.86 25.10 14.68
CA SER A 198 0.32 24.33 15.84
C SER A 198 -0.24 25.28 16.91
N ARG A 199 0.38 26.43 17.19
CA ARG A 199 -0.11 27.40 18.23
C ARG A 199 -1.43 28.05 17.78
N ASN A 200 -1.56 28.37 16.49
CA ASN A 200 -2.75 29.07 15.93
C ASN A 200 -3.84 28.07 15.58
N ALA A 201 -3.59 26.75 15.49
CA ALA A 201 -4.69 25.81 15.11
C ALA A 201 -5.78 25.83 16.18
N ASP A 202 -7.06 25.63 15.81
CA ASP A 202 -8.11 25.28 16.78
C ASP A 202 -8.36 23.77 16.71
N LEU A 203 -7.65 23.06 15.83
CA LEU A 203 -7.71 21.58 15.84
C LEU A 203 -6.42 20.99 15.28
N SER A 204 -5.83 20.09 16.06
CA SER A 204 -4.64 19.26 15.71
C SER A 204 -5.06 17.78 15.68
N ILE A 205 -4.83 17.10 14.55
CA ILE A 205 -5.21 15.68 14.30
C ILE A 205 -3.89 14.93 14.03
N THR A 206 -3.60 13.96 14.92
CA THR A 206 -2.37 13.15 14.88
C THR A 206 -2.71 11.79 14.22
N LEU A 207 -1.90 11.39 13.22
CA LEU A 207 -2.20 10.20 12.37
C LEU A 207 -0.97 9.33 12.44
N GLY A 208 -1.01 8.16 13.07
CA GLY A 208 0.10 7.21 12.84
C GLY A 208 1.39 7.69 13.48
N THR A 209 1.36 8.55 14.52
CA THR A 209 2.56 8.85 15.37
C THR A 209 2.33 8.46 16.85
N SER A 210 3.33 7.81 17.48
CA SER A 210 3.38 7.49 18.92
C SER A 210 3.73 8.74 19.74
N LEU A 211 4.16 9.84 19.12
CA LEU A 211 4.34 11.18 19.76
C LEU A 211 5.49 11.17 20.80
N GLN A 212 6.56 10.42 20.57
CA GLN A 212 7.53 10.10 21.65
C GLN A 212 8.78 10.95 21.47
N ILE A 213 8.87 11.67 20.35
CA ILE A 213 10.08 12.45 19.97
C ILE A 213 9.76 13.92 20.24
N ARG A 214 10.67 14.59 20.92
CA ARG A 214 10.59 15.98 21.39
C ARG A 214 11.56 16.71 20.47
N PRO A 215 11.20 17.84 19.84
CA PRO A 215 9.93 18.53 20.07
C PRO A 215 8.80 18.09 19.11
N SER A 216 9.07 17.25 18.12
CA SER A 216 8.10 16.84 17.07
C SER A 216 6.76 16.40 17.66
N GLY A 217 6.81 15.43 18.56
CA GLY A 217 5.67 14.83 19.31
C GLY A 217 4.99 15.75 20.31
N ASN A 218 5.57 16.92 20.61
CA ASN A 218 4.91 17.90 21.52
C ASN A 218 4.11 18.99 20.80
N LEU A 219 4.37 19.21 19.50
CA LEU A 219 3.73 20.29 18.72
C LEU A 219 2.21 20.21 18.86
N PRO A 220 1.57 19.01 18.75
CA PRO A 220 0.12 18.97 18.89
C PRO A 220 -0.38 19.48 20.26
N LEU A 221 0.42 19.35 21.33
CA LEU A 221 0.03 19.82 22.68
C LEU A 221 -0.16 21.34 22.63
N ALA A 222 0.61 22.02 21.81
CA ALA A 222 0.61 23.50 21.69
C ALA A 222 -0.78 23.95 21.24
N THR A 223 -1.58 23.08 20.62
CA THR A 223 -2.87 23.52 20.09
C THR A 223 -3.85 23.63 21.27
N LYS A 224 -3.64 22.87 22.35
CA LYS A 224 -4.55 22.86 23.52
C LYS A 224 -4.49 24.18 24.31
N ARG A 225 -3.33 24.84 24.35
CA ARG A 225 -3.19 26.24 24.85
C ARG A 225 -4.18 27.11 24.07
N ARG A 226 -4.98 27.91 24.78
CA ARG A 226 -6.09 28.77 24.27
C ARG A 226 -7.16 27.90 23.60
N GLY A 227 -7.36 26.69 24.10
CA GLY A 227 -8.64 25.98 24.00
C GLY A 227 -8.80 25.17 22.73
N GLY A 228 -7.71 24.89 22.00
CA GLY A 228 -7.75 24.12 20.75
C GLY A 228 -8.10 22.68 21.07
N ARG A 229 -8.64 21.91 20.14
CA ARG A 229 -8.99 20.50 20.42
C ARG A 229 -7.91 19.58 19.82
N LEU A 230 -7.72 18.40 20.42
CA LEU A 230 -6.66 17.43 20.04
C LEU A 230 -7.33 16.07 19.77
N VAL A 231 -7.15 15.55 18.53
CA VAL A 231 -7.52 14.16 18.10
C VAL A 231 -6.22 13.41 17.75
N ILE A 232 -6.07 12.26 18.38
CA ILE A 232 -4.97 11.29 18.14
C ILE A 232 -5.58 10.06 17.48
N VAL A 233 -5.16 9.73 16.24
CA VAL A 233 -5.56 8.46 15.57
C VAL A 233 -4.32 7.55 15.60
N ASN A 234 -4.44 6.42 16.28
CA ASN A 234 -3.29 5.51 16.46
C ASN A 234 -3.68 4.13 16.96
N LEU A 235 -3.06 3.11 16.40
CA LEU A 235 -3.25 1.71 16.85
C LEU A 235 -2.69 1.46 18.30
N GLN A 236 -1.47 1.87 18.62
CA GLN A 236 -0.91 1.77 19.99
C GLN A 236 -1.27 3.01 20.81
N PRO A 237 -1.08 2.95 22.14
CA PRO A 237 -1.08 4.14 22.98
C PRO A 237 -0.09 5.15 22.40
N THR A 238 -0.15 6.42 22.80
CA THR A 238 0.84 7.48 22.47
C THR A 238 1.21 8.32 23.69
N LYS A 239 2.34 9.01 23.61
CA LYS A 239 2.84 9.69 24.82
C LYS A 239 1.77 10.66 25.33
N HIS A 240 0.86 11.21 24.51
CA HIS A 240 -0.09 12.25 25.01
C HIS A 240 -1.56 11.87 24.94
N ASP A 241 -1.92 10.58 25.05
CA ASP A 241 -3.34 10.11 25.07
C ASP A 241 -4.21 10.86 26.08
N ARG A 242 -3.67 11.12 27.24
CA ARG A 242 -4.33 11.82 28.38
C ARG A 242 -4.83 13.19 27.92
N HIS A 243 -4.17 13.80 26.95
CA HIS A 243 -4.38 15.22 26.54
C HIS A 243 -5.39 15.31 25.40
N ALA A 244 -5.74 14.16 24.82
CA ALA A 244 -6.61 14.04 23.64
C ALA A 244 -8.06 14.29 24.03
N ASP A 245 -8.78 15.07 23.24
CA ASP A 245 -10.25 15.18 23.40
C ASP A 245 -10.86 13.92 22.75
N LEU A 246 -10.17 13.27 21.82
CA LEU A 246 -10.74 12.12 21.03
C LEU A 246 -9.56 11.24 20.61
N ARG A 247 -9.58 9.94 20.96
CA ARG A 247 -8.53 8.98 20.60
C ARG A 247 -9.22 7.94 19.73
N ILE A 248 -8.71 7.72 18.53
CA ILE A 248 -9.30 6.72 17.63
C ILE A 248 -8.24 5.65 17.40
N HIS A 249 -8.53 4.46 17.89
CA HIS A 249 -7.76 3.21 17.73
C HIS A 249 -8.33 2.43 16.52
N GLY A 250 -7.70 2.63 15.37
CA GLY A 250 -8.05 2.03 14.07
C GLY A 250 -6.96 2.31 13.06
N TYR A 251 -7.01 1.58 11.96
CA TYR A 251 -6.15 1.78 10.78
C TYR A 251 -6.46 3.16 10.22
N VAL A 252 -5.44 3.98 9.97
CA VAL A 252 -5.66 5.36 9.48
C VAL A 252 -6.40 5.35 8.13
N ASP A 253 -6.12 4.39 7.26
CA ASP A 253 -6.82 4.34 5.96
C ASP A 253 -8.33 4.19 6.16
N GLU A 254 -8.77 3.39 7.12
CA GLU A 254 -10.23 3.15 7.31
C GLU A 254 -10.85 4.41 7.94
N VAL A 255 -10.14 5.01 8.88
CA VAL A 255 -10.57 6.29 9.53
C VAL A 255 -10.71 7.37 8.48
N MET A 256 -9.67 7.62 7.70
CA MET A 256 -9.64 8.77 6.75
C MET A 256 -10.63 8.52 5.63
N THR A 257 -10.81 7.29 5.17
CA THR A 257 -11.88 7.06 4.16
C THR A 257 -13.27 7.27 4.73
N ARG A 258 -13.57 6.93 5.98
CA ARG A 258 -14.91 7.23 6.50
C ARG A 258 -15.08 8.74 6.70
N LEU A 259 -14.02 9.42 7.13
CA LEU A 259 -14.10 10.89 7.37
C LEU A 259 -14.48 11.59 6.07
N MET A 260 -13.73 11.29 5.00
CA MET A 260 -13.87 11.88 3.63
C MET A 260 -15.31 11.64 3.14
N LYS A 261 -15.85 10.46 3.39
CA LYS A 261 -17.23 10.15 2.98
C LYS A 261 -18.11 11.06 3.82
N HIS A 262 -17.91 11.19 5.14
CA HIS A 262 -18.77 12.08 5.95
C HIS A 262 -18.66 13.49 5.37
N LEU A 263 -17.48 13.91 4.87
CA LEU A 263 -17.23 15.31 4.48
C LEU A 263 -17.73 15.53 3.06
N GLY A 264 -18.05 14.45 2.34
CA GLY A 264 -18.57 14.51 0.97
C GLY A 264 -17.44 14.65 -0.02
N LEU A 265 -16.25 14.16 0.32
CA LEU A 265 -15.08 14.35 -0.55
C LEU A 265 -14.66 13.00 -1.11
N GLU A 266 -14.15 13.13 -2.29
CA GLU A 266 -13.43 12.05 -2.97
C GLU A 266 -11.95 12.13 -2.63
N ILE A 267 -11.37 10.94 -2.59
CA ILE A 267 -9.91 10.71 -2.49
C ILE A 267 -9.47 10.62 -3.92
N PRO A 268 -8.66 11.60 -4.33
CA PRO A 268 -8.23 11.65 -5.70
C PRO A 268 -7.11 10.70 -6.14
N ALA A 269 -7.01 10.57 -7.45
CA ALA A 269 -6.12 9.66 -8.19
C ALA A 269 -4.68 10.09 -7.95
N TRP A 270 -3.76 9.14 -7.78
CA TRP A 270 -2.32 9.44 -7.77
C TRP A 270 -1.72 9.26 -9.17
N ASP A 271 -1.11 10.32 -9.71
CA ASP A 271 -0.66 10.40 -11.13
C ASP A 271 0.76 9.87 -11.27
N GLY A 272 1.40 9.40 -10.18
CA GLY A 272 2.84 9.07 -10.17
C GLY A 272 3.59 10.19 -9.42
N PRO A 273 4.90 10.08 -9.27
CA PRO A 273 5.64 11.09 -8.49
C PRO A 273 5.51 12.53 -9.00
N ARG A 274 4.90 13.42 -8.23
CA ARG A 274 4.85 14.83 -8.67
C ARG A 274 5.13 15.75 -7.49
N VAL A 275 5.86 16.83 -7.74
CA VAL A 275 6.30 17.86 -6.76
C VAL A 275 5.56 19.14 -7.04
N LEU A 276 4.87 19.66 -6.04
CA LEU A 276 4.23 20.96 -6.09
C LEU A 276 4.95 21.87 -5.09
N GLU A 277 5.62 22.94 -5.49
CA GLU A 277 6.26 23.86 -4.49
C GLU A 277 5.21 24.64 -3.72
N ARG A 278 4.23 25.22 -4.42
CA ARG A 278 3.30 26.22 -3.84
C ARG A 278 1.86 25.74 -4.01
N ALA A 279 1.15 25.74 -2.88
CA ALA A 279 -0.30 25.52 -2.81
C ALA A 279 -0.99 26.29 -3.94
N LEU A 280 -1.96 25.64 -4.58
CA LEU A 280 -2.85 26.20 -5.60
C LEU A 280 -3.99 26.95 -4.93
N PRO A 281 -4.72 27.78 -5.68
CA PRO A 281 -5.93 28.37 -5.12
C PRO A 281 -6.88 27.26 -4.73
N PRO A 282 -7.60 27.48 -3.63
CA PRO A 282 -8.62 26.59 -3.10
C PRO A 282 -9.81 26.24 -4.02
N LEU A 283 -10.15 24.94 -4.09
CA LEU A 283 -11.26 24.42 -4.90
C LEU A 283 -12.58 24.46 -4.12
N PRO A 284 -13.74 24.23 -4.77
CA PRO A 284 -15.02 24.23 -4.06
C PRO A 284 -14.99 23.15 -2.95
N ARG A 285 -15.78 23.30 -1.89
CA ARG A 285 -16.06 22.16 -0.99
C ARG A 285 -17.55 22.12 -0.67
N PRO A 286 -18.09 20.94 -0.23
CA PRO A 286 -19.51 20.78 0.06
C PRO A 286 -19.92 21.76 1.15
N PRO A 287 -21.23 22.12 1.20
CA PRO A 287 -21.74 22.95 2.29
C PRO A 287 -21.70 22.21 3.64
N THR A 288 -21.69 22.96 4.74
CA THR A 288 -21.61 22.38 6.13
C THR A 288 -22.97 21.90 6.66
N PRO A 289 -23.04 20.73 7.30
CA PRO A 289 -24.22 20.33 8.06
C PRO A 289 -24.45 21.25 9.24
N LYS A 290 -25.71 21.43 9.68
CA LYS A 290 -26.03 22.10 10.96
C LYS A 290 -25.65 21.14 12.10
N LEU A 291 -24.88 21.60 13.08
CA LEU A 291 -24.32 20.71 14.15
C LEU A 291 -24.83 21.13 15.54
N LYS B 9 2.77 -27.14 5.52
CA LYS B 9 2.89 -25.68 5.16
C LYS B 9 3.84 -25.51 3.96
N GLY B 10 5.01 -26.18 3.98
CA GLY B 10 6.08 -26.08 2.96
C GLY B 10 7.21 -25.18 3.43
N LYS B 11 8.22 -24.93 2.58
CA LYS B 11 9.47 -24.22 2.97
C LYS B 11 9.17 -22.73 3.17
N CYS B 12 9.41 -22.22 4.38
CA CYS B 12 8.99 -20.88 4.88
C CYS B 12 10.23 -20.08 5.29
N GLY B 13 10.23 -18.76 5.05
CA GLY B 13 11.25 -17.81 5.52
C GLY B 13 12.60 -18.05 4.86
N LEU B 14 12.60 -18.54 3.61
CA LEU B 14 13.81 -18.66 2.77
C LEU B 14 14.31 -17.24 2.52
N PRO B 15 15.57 -17.05 2.09
CA PRO B 15 16.14 -15.73 2.02
C PRO B 15 15.75 -15.09 0.68
N GLU B 16 15.79 -13.77 0.64
CA GLU B 16 15.38 -12.97 -0.53
C GLU B 16 16.54 -12.77 -1.50
N ILE B 17 16.24 -12.72 -2.76
CA ILE B 17 17.27 -12.37 -3.77
C ILE B 17 16.85 -11.03 -4.32
N PHE B 18 17.83 -10.17 -4.63
CA PHE B 18 17.64 -8.87 -5.33
C PHE B 18 18.58 -8.81 -6.51
N ASP B 19 18.05 -8.91 -7.74
CA ASP B 19 18.84 -8.66 -8.97
C ASP B 19 19.41 -7.24 -8.84
N PRO B 20 20.73 -7.03 -9.00
CA PRO B 20 21.29 -5.67 -8.96
C PRO B 20 20.68 -4.83 -10.06
N PRO B 21 20.69 -3.48 -9.94
CA PRO B 21 19.82 -2.64 -10.75
C PRO B 21 19.91 -2.94 -12.26
N GLU B 22 21.14 -3.05 -12.77
CA GLU B 22 21.38 -3.22 -14.24
C GLU B 22 20.98 -4.63 -14.69
N GLU B 23 20.98 -5.63 -13.78
CA GLU B 23 20.42 -6.98 -14.10
C GLU B 23 18.90 -6.85 -14.16
N LEU B 24 18.30 -6.12 -13.21
CA LEU B 24 16.83 -5.92 -13.11
C LEU B 24 16.35 -5.13 -14.33
N GLU B 25 16.98 -4.00 -14.66
CA GLU B 25 16.59 -3.21 -15.84
C GLU B 25 16.55 -4.11 -17.08
N ARG B 26 17.57 -4.96 -17.24
CA ARG B 26 17.81 -5.81 -18.44
C ARG B 26 16.76 -6.91 -18.55
N LYS B 27 16.45 -7.57 -17.42
CA LYS B 27 15.45 -8.67 -17.37
C LYS B 27 14.03 -8.15 -17.69
N VAL B 28 13.69 -6.94 -17.26
CA VAL B 28 12.32 -6.38 -17.48
C VAL B 28 12.18 -6.00 -18.96
N TRP B 29 13.23 -5.48 -19.58
CA TRP B 29 13.27 -5.29 -21.06
C TRP B 29 12.96 -6.63 -21.74
N GLU B 30 13.64 -7.68 -21.32
CA GLU B 30 13.45 -9.05 -21.87
C GLU B 30 12.01 -9.53 -21.63
N LEU B 31 11.43 -9.29 -20.46
CA LEU B 31 9.99 -9.59 -20.19
C LEU B 31 9.09 -8.86 -21.21
N ALA B 32 9.33 -7.58 -21.46
CA ALA B 32 8.62 -6.72 -22.45
C ALA B 32 8.60 -7.35 -23.86
N ARG B 33 9.78 -7.76 -24.34
CA ARG B 33 9.99 -8.50 -25.61
C ARG B 33 9.07 -9.74 -25.59
N LEU B 34 9.14 -10.55 -24.54
CA LEU B 34 8.30 -11.76 -24.42
C LEU B 34 6.82 -11.40 -24.51
N VAL B 35 6.33 -10.40 -23.79
CA VAL B 35 4.90 -9.99 -23.88
C VAL B 35 4.64 -9.65 -25.34
N TRP B 36 5.50 -8.80 -25.93
CA TRP B 36 5.41 -8.35 -27.35
C TRP B 36 5.47 -9.51 -28.34
N GLN B 37 6.03 -10.67 -27.98
CA GLN B 37 6.18 -11.79 -28.95
C GLN B 37 5.10 -12.84 -28.74
N SER B 38 4.34 -12.79 -27.66
CA SER B 38 3.41 -13.89 -27.30
C SER B 38 2.02 -13.60 -27.86
N SER B 39 1.29 -14.64 -28.30
CA SER B 39 -0.14 -14.59 -28.71
C SER B 39 -1.05 -14.62 -27.49
N SER B 40 -0.70 -15.35 -26.45
CA SER B 40 -1.65 -15.69 -25.38
C SER B 40 -0.90 -15.71 -24.05
N VAL B 41 -1.14 -14.68 -23.23
CA VAL B 41 -0.37 -14.43 -21.97
C VAL B 41 -1.32 -14.71 -20.81
N VAL B 42 -0.89 -15.54 -19.87
CA VAL B 42 -1.60 -15.91 -18.62
C VAL B 42 -0.68 -15.54 -17.47
N PHE B 43 -1.21 -14.80 -16.51
CA PHE B 43 -0.50 -14.30 -15.31
C PHE B 43 -1.08 -15.11 -14.16
N HIS B 44 -0.19 -15.59 -13.32
CA HIS B 44 -0.54 -16.39 -12.13
C HIS B 44 -0.16 -15.56 -10.92
N THR B 45 -1.09 -15.22 -10.03
CA THR B 45 -0.69 -14.37 -8.87
C THR B 45 -0.80 -15.14 -7.54
N GLY B 46 0.01 -14.73 -6.57
CA GLY B 46 -0.06 -15.15 -5.16
C GLY B 46 0.15 -13.97 -4.22
N ALA B 47 0.26 -14.31 -2.94
CA ALA B 47 0.15 -13.38 -1.79
C ALA B 47 1.14 -12.22 -1.93
N GLY B 48 2.29 -12.45 -2.57
CA GLY B 48 3.37 -11.48 -2.83
C GLY B 48 2.88 -10.21 -3.51
N ILE B 49 1.82 -10.25 -4.33
CA ILE B 49 1.32 -9.01 -5.00
C ILE B 49 0.40 -8.21 -4.08
N SER B 50 0.13 -8.60 -2.82
CA SER B 50 -0.66 -7.75 -1.90
C SER B 50 0.15 -7.34 -0.67
N THR B 51 1.41 -7.75 -0.56
CA THR B 51 2.21 -7.35 0.61
C THR B 51 2.37 -5.82 0.59
N ALA B 52 2.40 -5.15 -0.58
CA ALA B 52 2.63 -3.69 -0.65
C ALA B 52 1.36 -2.88 -0.35
N SER B 53 0.23 -3.53 -0.03
CA SER B 53 -0.99 -2.85 0.48
C SER B 53 -1.23 -3.18 1.96
N GLY B 54 -0.29 -3.87 2.64
CA GLY B 54 -0.40 -4.11 4.09
C GLY B 54 -0.81 -5.53 4.45
N ILE B 55 -1.13 -6.36 3.46
CA ILE B 55 -1.56 -7.77 3.72
C ILE B 55 -0.31 -8.63 3.70
N PRO B 56 -0.03 -9.43 4.75
CA PRO B 56 1.17 -10.25 4.76
C PRO B 56 1.00 -11.52 3.90
N ASP B 57 2.09 -12.05 3.34
CA ASP B 57 2.06 -13.33 2.57
C ASP B 57 2.21 -14.48 3.58
N PHE B 58 2.48 -15.70 3.14
CA PHE B 58 2.37 -16.91 3.99
C PHE B 58 3.78 -17.35 4.39
N ARG B 59 4.74 -17.27 3.46
CA ARG B 59 6.05 -17.99 3.48
C ARG B 59 7.25 -17.03 3.35
N GLY B 60 7.04 -15.74 3.07
CA GLY B 60 8.09 -14.70 3.06
C GLY B 60 8.63 -14.47 4.48
N PRO B 61 9.62 -13.59 4.68
CA PRO B 61 10.29 -13.50 5.98
C PRO B 61 9.35 -13.17 7.13
N HIS B 62 8.26 -12.41 6.89
CA HIS B 62 7.23 -12.06 7.90
C HIS B 62 5.90 -12.67 7.45
N GLY B 63 5.97 -13.69 6.58
CA GLY B 63 4.80 -14.50 6.18
C GLY B 63 4.10 -15.13 7.36
N VAL B 64 2.76 -15.23 7.30
CA VAL B 64 1.84 -15.93 8.26
C VAL B 64 2.46 -17.25 8.78
N TRP B 65 2.84 -18.18 7.90
CA TRP B 65 3.39 -19.48 8.38
C TRP B 65 4.78 -19.22 8.99
N THR B 66 5.67 -18.49 8.29
CA THR B 66 7.03 -18.09 8.76
C THR B 66 6.98 -17.49 10.19
N MET B 67 6.04 -16.60 10.48
CA MET B 67 5.94 -15.96 11.84
C MET B 67 5.38 -16.97 12.84
N GLU B 68 4.41 -17.78 12.44
CA GLU B 68 3.81 -18.84 13.30
C GLU B 68 4.89 -19.88 13.67
N GLU B 69 5.77 -20.25 12.72
CA GLU B 69 6.90 -21.19 12.97
C GLU B 69 7.76 -20.69 14.12
N ARG B 70 8.16 -19.40 14.10
CA ARG B 70 8.96 -18.76 15.19
C ARG B 70 8.01 -18.24 16.27
N GLY B 71 6.80 -18.80 16.34
CA GLY B 71 5.79 -18.41 17.34
C GLY B 71 5.66 -16.89 17.47
N LEU B 72 5.50 -16.19 16.35
CA LEU B 72 5.14 -14.75 16.28
C LEU B 72 3.83 -14.62 15.49
N ALA B 73 3.20 -13.44 15.53
CA ALA B 73 1.93 -13.19 14.81
C ALA B 73 2.28 -12.54 13.48
N PRO B 74 1.51 -12.80 12.40
CA PRO B 74 1.60 -11.99 11.19
C PRO B 74 0.98 -10.65 11.59
N LYS B 75 1.36 -9.61 10.87
CA LYS B 75 0.83 -8.27 11.17
C LYS B 75 0.18 -7.73 9.89
N PHE B 76 -1.11 -7.40 9.99
CA PHE B 76 -1.90 -6.63 9.00
C PHE B 76 -1.65 -5.14 9.26
N ASP B 77 -1.35 -4.35 8.21
CA ASP B 77 -1.30 -2.86 8.22
C ASP B 77 -2.57 -2.27 7.65
N THR B 78 -3.53 -3.15 7.33
CA THR B 78 -4.88 -2.84 6.81
C THR B 78 -5.90 -3.92 7.23
N THR B 79 -7.19 -3.65 7.09
CA THR B 79 -8.24 -4.70 7.03
C THR B 79 -8.47 -5.12 5.58
N PHE B 80 -9.24 -6.18 5.37
CA PHE B 80 -9.45 -6.63 3.97
C PHE B 80 -10.26 -5.57 3.25
N GLU B 81 -11.24 -5.03 3.95
CA GLU B 81 -12.21 -4.07 3.43
C GLU B 81 -11.50 -2.78 3.01
N SER B 82 -10.53 -2.32 3.78
CA SER B 82 -9.89 -1.00 3.52
C SER B 82 -8.65 -1.17 2.65
N ALA B 83 -8.22 -2.40 2.29
CA ALA B 83 -6.97 -2.59 1.53
C ALA B 83 -7.16 -1.95 0.14
N ARG B 84 -6.15 -1.34 -0.44
CA ARG B 84 -6.30 -0.83 -1.81
C ARG B 84 -5.52 -1.77 -2.71
N PRO B 85 -6.01 -2.08 -3.92
CA PRO B 85 -5.17 -2.73 -4.94
C PRO B 85 -3.87 -1.98 -5.17
N THR B 86 -2.81 -2.75 -5.46
CA THR B 86 -1.45 -2.29 -5.59
C THR B 86 -1.34 -1.83 -7.02
N GLN B 87 -0.26 -1.15 -7.29
CA GLN B 87 0.23 -0.83 -8.69
C GLN B 87 0.21 -2.10 -9.58
N THR B 88 0.68 -3.23 -9.08
CA THR B 88 0.63 -4.53 -9.81
C THR B 88 -0.82 -4.87 -10.18
N HIS B 89 -1.72 -4.86 -9.21
CA HIS B 89 -3.17 -5.13 -9.39
C HIS B 89 -3.75 -4.30 -10.54
N MET B 90 -3.45 -3.01 -10.54
CA MET B 90 -3.98 -2.05 -11.51
C MET B 90 -3.27 -2.25 -12.85
N ALA B 91 -1.97 -2.60 -12.88
CA ALA B 91 -1.29 -2.85 -14.17
C ALA B 91 -1.98 -4.05 -14.86
N LEU B 92 -2.40 -5.05 -14.10
CA LEU B 92 -3.09 -6.26 -14.66
C LEU B 92 -4.47 -5.86 -15.23
N VAL B 93 -5.17 -4.91 -14.59
CA VAL B 93 -6.49 -4.43 -15.08
C VAL B 93 -6.28 -3.91 -16.48
N GLN B 94 -5.22 -3.11 -16.64
CA GLN B 94 -4.92 -2.39 -17.89
C GLN B 94 -4.42 -3.34 -18.96
N LEU B 95 -3.57 -4.29 -18.63
CA LEU B 95 -3.06 -5.30 -19.59
C LEU B 95 -4.26 -6.12 -20.13
N GLU B 96 -5.25 -6.43 -19.31
CA GLU B 96 -6.46 -7.11 -19.83
C GLU B 96 -7.21 -6.14 -20.75
N ARG B 97 -7.28 -4.88 -20.37
CA ARG B 97 -8.23 -4.00 -21.09
C ARG B 97 -7.72 -3.75 -22.50
N VAL B 98 -6.39 -3.79 -22.72
CA VAL B 98 -5.81 -3.53 -24.07
C VAL B 98 -5.51 -4.86 -24.76
N GLY B 99 -6.04 -5.98 -24.26
CA GLY B 99 -5.88 -7.31 -24.89
C GLY B 99 -4.49 -7.92 -24.75
N LEU B 100 -3.61 -7.46 -23.84
CA LEU B 100 -2.25 -8.06 -23.71
C LEU B 100 -2.20 -9.16 -22.66
N LEU B 101 -3.29 -9.43 -21.95
CA LEU B 101 -3.46 -10.50 -20.93
C LEU B 101 -4.68 -11.34 -21.31
N ARG B 102 -4.55 -12.66 -21.43
CA ARG B 102 -5.68 -13.53 -21.86
C ARG B 102 -6.43 -14.00 -20.63
N PHE B 103 -5.72 -14.41 -19.58
CA PHE B 103 -6.39 -15.00 -18.39
C PHE B 103 -5.52 -14.73 -17.16
N LEU B 104 -6.18 -14.65 -16.05
CA LEU B 104 -5.51 -14.33 -14.78
C LEU B 104 -5.89 -15.45 -13.82
N VAL B 105 -4.86 -16.13 -13.28
CA VAL B 105 -5.02 -17.20 -12.26
C VAL B 105 -4.38 -16.79 -10.93
N SER B 106 -5.17 -16.76 -9.88
CA SER B 106 -4.73 -16.27 -8.56
C SER B 106 -5.17 -17.23 -7.44
N GLN B 107 -4.25 -17.43 -6.51
CA GLN B 107 -4.38 -18.26 -5.30
C GLN B 107 -4.90 -17.37 -4.16
N ASN B 108 -5.07 -16.06 -4.42
CA ASN B 108 -5.35 -15.07 -3.35
C ASN B 108 -6.83 -15.02 -3.05
N VAL B 109 -7.10 -15.01 -1.75
CA VAL B 109 -8.46 -15.02 -1.17
C VAL B 109 -8.76 -13.60 -0.68
N ASP B 110 -7.84 -12.65 -0.88
CA ASP B 110 -7.91 -11.27 -0.34
C ASP B 110 -9.01 -10.43 -1.02
N GLY B 111 -9.58 -10.90 -2.12
CA GLY B 111 -10.62 -10.21 -2.88
C GLY B 111 -10.18 -8.96 -3.68
N LEU B 112 -8.90 -8.62 -3.81
CA LEU B 112 -8.41 -7.36 -4.47
C LEU B 112 -8.44 -7.43 -5.98
N HIS B 113 -8.28 -8.59 -6.61
CA HIS B 113 -8.45 -8.62 -8.09
C HIS B 113 -9.83 -8.08 -8.47
N VAL B 114 -10.87 -8.61 -7.84
CA VAL B 114 -12.31 -8.32 -8.12
C VAL B 114 -12.60 -6.84 -7.81
N ARG B 115 -12.10 -6.35 -6.70
CA ARG B 115 -12.46 -5.00 -6.21
C ARG B 115 -11.66 -3.95 -7.01
N SER B 116 -10.52 -4.33 -7.61
CA SER B 116 -9.75 -3.57 -8.62
C SER B 116 -10.50 -3.33 -9.94
N GLY B 117 -11.62 -4.02 -10.20
CA GLY B 117 -12.38 -3.96 -11.46
C GLY B 117 -11.95 -5.02 -12.49
N PHE B 118 -11.08 -5.95 -12.12
CA PHE B 118 -10.67 -7.01 -13.04
C PHE B 118 -11.88 -7.88 -13.36
N PRO B 119 -12.20 -8.13 -14.66
CA PRO B 119 -13.37 -8.93 -15.04
C PRO B 119 -13.30 -10.39 -14.58
N ARG B 120 -14.37 -10.81 -13.90
CA ARG B 120 -14.54 -12.15 -13.29
C ARG B 120 -14.50 -13.25 -14.36
N ASP B 121 -14.85 -13.00 -15.62
CA ASP B 121 -14.79 -14.07 -16.67
C ASP B 121 -13.37 -14.23 -17.21
N LYS B 122 -12.37 -13.48 -16.70
CA LYS B 122 -10.97 -13.68 -17.12
C LYS B 122 -10.08 -14.04 -15.93
N LEU B 123 -10.67 -14.38 -14.81
CA LEU B 123 -10.02 -14.67 -13.52
C LEU B 123 -10.48 -16.02 -12.96
N ALA B 124 -9.56 -16.89 -12.61
CA ALA B 124 -9.79 -18.08 -11.73
C ALA B 124 -9.32 -17.70 -10.32
N GLU B 125 -10.20 -17.78 -9.31
CA GLU B 125 -9.79 -17.62 -7.89
C GLU B 125 -9.81 -19.01 -7.24
N LEU B 126 -8.68 -19.68 -7.36
CA LEU B 126 -8.50 -21.12 -7.03
C LEU B 126 -8.76 -21.40 -5.56
N HIS B 127 -8.42 -20.51 -4.61
CA HIS B 127 -8.53 -20.86 -3.18
C HIS B 127 -9.78 -20.20 -2.62
N GLY B 128 -10.55 -19.52 -3.48
CA GLY B 128 -11.78 -18.80 -3.08
C GLY B 128 -11.54 -17.30 -2.87
N ASN B 129 -12.54 -16.63 -2.31
CA ASN B 129 -12.56 -15.15 -2.24
C ASN B 129 -13.32 -14.83 -0.96
N MET B 130 -12.64 -14.09 -0.06
CA MET B 130 -13.11 -13.68 1.28
CA MET B 130 -13.14 -13.74 1.30
C MET B 130 -14.49 -13.00 1.23
N PHE B 131 -14.79 -12.28 0.13
CA PHE B 131 -16.03 -11.46 0.00
C PHE B 131 -17.14 -12.21 -0.77
N VAL B 132 -16.83 -13.40 -1.26
CA VAL B 132 -17.77 -14.15 -2.17
C VAL B 132 -18.44 -15.23 -1.33
N GLU B 133 -19.78 -15.17 -1.19
CA GLU B 133 -20.54 -16.34 -0.68
C GLU B 133 -21.39 -16.90 -1.81
N GLU B 134 -21.52 -18.22 -1.83
CA GLU B 134 -22.17 -18.98 -2.94
C GLU B 134 -23.38 -19.72 -2.39
N CYS B 135 -24.47 -19.75 -3.15
CA CYS B 135 -25.69 -20.52 -2.77
C CYS B 135 -25.45 -22.02 -2.94
N ALA B 136 -25.76 -22.76 -1.88
CA ALA B 136 -25.59 -24.22 -1.85
C ALA B 136 -26.46 -24.87 -2.92
N LYS B 137 -27.60 -24.26 -3.25
CA LYS B 137 -28.52 -24.90 -4.23
C LYS B 137 -28.30 -24.45 -5.67
N CYS B 138 -28.60 -23.19 -6.02
CA CYS B 138 -28.52 -22.70 -7.43
C CYS B 138 -27.11 -22.25 -7.82
N LYS B 139 -26.15 -22.17 -6.87
CA LYS B 139 -24.70 -21.91 -7.13
C LYS B 139 -24.45 -20.45 -7.58
N THR B 140 -25.42 -19.57 -7.32
CA THR B 140 -25.35 -18.09 -7.52
C THR B 140 -24.38 -17.49 -6.51
N GLN B 141 -23.35 -16.80 -7.00
CA GLN B 141 -22.31 -16.13 -6.18
C GLN B 141 -22.75 -14.71 -5.87
N TYR B 142 -22.42 -14.23 -4.68
CA TYR B 142 -22.69 -12.85 -4.19
C TYR B 142 -21.34 -12.20 -3.87
N VAL B 143 -20.94 -11.13 -4.57
CA VAL B 143 -19.69 -10.39 -4.20
C VAL B 143 -20.13 -9.32 -3.21
N ARG B 144 -19.79 -9.51 -1.94
CA ARG B 144 -20.17 -8.64 -0.79
C ARG B 144 -19.18 -7.46 -0.64
N ASP B 145 -19.62 -6.35 -0.06
CA ASP B 145 -18.77 -5.15 0.19
C ASP B 145 -17.84 -5.42 1.38
N THR B 146 -18.21 -6.36 2.27
CA THR B 146 -17.40 -6.77 3.45
C THR B 146 -17.11 -8.26 3.42
N VAL B 147 -16.05 -8.69 4.11
CA VAL B 147 -15.63 -10.13 4.14
C VAL B 147 -16.79 -10.94 4.72
N VAL B 148 -17.14 -12.03 4.05
CA VAL B 148 -18.02 -13.12 4.54
C VAL B 148 -17.32 -13.78 5.73
N GLY B 149 -18.02 -13.90 6.86
CA GLY B 149 -17.39 -14.13 8.17
C GLY B 149 -17.00 -15.56 8.48
N THR B 150 -17.15 -16.51 7.54
CA THR B 150 -16.76 -17.93 7.71
C THR B 150 -15.63 -18.26 6.73
N MET B 151 -14.94 -19.38 6.96
CA MET B 151 -13.95 -20.01 6.03
C MET B 151 -14.23 -21.51 5.99
N GLY B 152 -13.95 -22.18 4.87
CA GLY B 152 -13.95 -23.65 4.78
C GLY B 152 -15.24 -24.23 4.18
N LEU B 153 -15.98 -23.45 3.38
CA LEU B 153 -17.22 -23.88 2.67
C LEU B 153 -18.32 -24.10 3.71
N LYS B 154 -18.39 -23.22 4.71
CA LYS B 154 -19.42 -23.25 5.80
C LYS B 154 -20.60 -22.33 5.47
N ALA B 155 -21.75 -22.56 6.12
CA ALA B 155 -22.96 -21.71 6.10
C ALA B 155 -22.67 -20.36 6.77
N THR B 156 -23.12 -19.25 6.16
CA THR B 156 -22.77 -17.85 6.56
C THR B 156 -23.82 -17.31 7.54
N GLY B 157 -25.04 -17.88 7.52
CA GLY B 157 -26.22 -17.38 8.25
C GLY B 157 -27.23 -16.77 7.29
N ARG B 158 -26.86 -16.55 6.02
CA ARG B 158 -27.68 -15.81 5.00
C ARG B 158 -28.22 -16.80 3.95
N LEU B 159 -29.39 -16.49 3.38
CA LEU B 159 -30.03 -17.30 2.31
C LEU B 159 -30.01 -16.55 0.96
N CYS B 160 -29.87 -17.32 -0.13
CA CYS B 160 -30.06 -16.90 -1.54
C CYS B 160 -31.40 -16.16 -1.71
N THR B 161 -31.43 -15.20 -2.64
CA THR B 161 -32.59 -14.32 -2.94
C THR B 161 -32.94 -14.41 -4.44
N VAL B 162 -32.36 -15.36 -5.20
CA VAL B 162 -32.53 -15.49 -6.69
C VAL B 162 -34.03 -15.41 -7.06
N ALA B 163 -34.34 -14.67 -8.13
CA ALA B 163 -35.69 -14.41 -8.71
C ALA B 163 -36.76 -14.36 -7.60
N CYS B 171 -35.77 -18.80 -3.87
CA CYS B 171 -34.81 -19.94 -3.88
C CYS B 171 -34.35 -20.27 -2.46
N ARG B 172 -34.08 -19.25 -1.65
CA ARG B 172 -33.86 -19.37 -0.17
C ARG B 172 -32.77 -20.40 0.16
N GLY B 173 -31.98 -20.85 -0.82
CA GLY B 173 -30.85 -21.76 -0.61
C GLY B 173 -29.82 -21.18 0.35
N GLU B 174 -29.23 -22.04 1.20
CA GLU B 174 -28.12 -21.75 2.17
C GLU B 174 -26.92 -21.14 1.43
N LEU B 175 -26.38 -20.00 1.91
CA LEU B 175 -25.17 -19.33 1.37
C LEU B 175 -23.96 -19.74 2.22
N ARG B 176 -22.84 -20.07 1.56
CA ARG B 176 -21.57 -20.57 2.16
C ARG B 176 -20.38 -19.72 1.68
N ASP B 177 -19.32 -19.60 2.49
CA ASP B 177 -18.05 -18.98 2.08
C ASP B 177 -17.40 -19.89 1.02
N THR B 178 -16.44 -19.35 0.25
CA THR B 178 -15.76 -20.05 -0.89
C THR B 178 -14.31 -20.35 -0.52
N ILE B 179 -13.94 -20.15 0.73
CA ILE B 179 -12.54 -20.26 1.24
C ILE B 179 -12.30 -21.74 1.55
N LEU B 180 -11.52 -22.41 0.71
CA LEU B 180 -11.08 -23.82 0.87
C LEU B 180 -10.31 -23.98 2.18
N ASP B 181 -10.63 -25.00 2.98
CA ASP B 181 -9.71 -25.51 4.03
C ASP B 181 -8.73 -26.47 3.37
N TRP B 182 -7.66 -26.87 4.08
CA TRP B 182 -6.48 -27.64 3.59
C TRP B 182 -6.88 -28.91 2.83
N GLU B 183 -8.07 -29.47 3.07
CA GLU B 183 -8.45 -30.81 2.56
C GLU B 183 -9.51 -30.71 1.46
N ASP B 184 -10.15 -29.55 1.26
CA ASP B 184 -11.13 -29.34 0.17
C ASP B 184 -10.37 -29.36 -1.16
N SER B 185 -11.02 -29.75 -2.26
CA SER B 185 -10.44 -29.65 -3.63
C SER B 185 -10.92 -28.35 -4.27
N LEU B 186 -10.15 -27.90 -5.28
CA LEU B 186 -10.24 -26.58 -5.95
C LEU B 186 -11.56 -26.48 -6.73
N PRO B 187 -12.20 -25.29 -6.82
CA PRO B 187 -13.46 -25.14 -7.55
C PRO B 187 -13.31 -25.56 -9.02
N ASP B 188 -14.15 -26.49 -9.46
CA ASP B 188 -13.97 -27.23 -10.74
C ASP B 188 -13.97 -26.24 -11.91
N ARG B 189 -14.85 -25.25 -11.89
CA ARG B 189 -14.98 -24.26 -12.99
C ARG B 189 -13.65 -23.51 -13.17
N ASP B 190 -13.19 -22.91 -12.08
CA ASP B 190 -11.97 -22.05 -12.01
C ASP B 190 -10.75 -22.88 -12.39
N LEU B 191 -10.59 -24.06 -11.78
CA LEU B 191 -9.43 -24.92 -12.04
C LEU B 191 -9.48 -25.38 -13.50
N ALA B 192 -10.67 -25.69 -14.01
CA ALA B 192 -10.84 -26.15 -15.40
C ALA B 192 -10.36 -25.02 -16.31
N LEU B 193 -10.90 -23.81 -16.14
CA LEU B 193 -10.52 -22.67 -17.03
C LEU B 193 -9.03 -22.33 -16.86
N ALA B 194 -8.52 -22.41 -15.64
CA ALA B 194 -7.12 -22.03 -15.34
C ALA B 194 -6.18 -22.98 -16.11
N ASP B 195 -6.56 -24.26 -16.16
CA ASP B 195 -5.83 -25.38 -16.81
C ASP B 195 -5.87 -25.16 -18.31
N GLU B 196 -7.06 -24.98 -18.87
CA GLU B 196 -7.24 -24.69 -20.30
C GLU B 196 -6.38 -23.46 -20.66
N ALA B 197 -6.42 -22.42 -19.83
CA ALA B 197 -5.77 -21.13 -20.14
C ALA B 197 -4.28 -21.34 -20.14
N SER B 198 -3.75 -21.98 -19.10
CA SER B 198 -2.30 -22.32 -18.93
C SER B 198 -1.79 -23.19 -20.10
N ARG B 199 -2.52 -24.22 -20.53
CA ARG B 199 -2.07 -25.15 -21.62
C ARG B 199 -2.02 -24.38 -22.95
N ASN B 200 -2.93 -23.42 -23.16
CA ASN B 200 -3.05 -22.66 -24.42
C ASN B 200 -2.08 -21.48 -24.43
N ALA B 201 -1.60 -21.04 -23.29
CA ALA B 201 -0.72 -19.85 -23.23
C ALA B 201 0.62 -20.15 -23.89
N ASP B 202 1.17 -19.22 -24.67
CA ASP B 202 2.61 -19.25 -25.03
C ASP B 202 3.41 -18.44 -24.01
N LEU B 203 2.77 -17.69 -23.09
CA LEU B 203 3.54 -17.02 -22.01
C LEU B 203 2.79 -17.07 -20.68
N SER B 204 3.44 -17.65 -19.69
CA SER B 204 2.98 -17.67 -18.29
C SER B 204 3.98 -16.89 -17.44
N ILE B 205 3.47 -15.92 -16.68
CA ILE B 205 4.25 -15.03 -15.75
C ILE B 205 3.63 -15.26 -14.37
N THR B 206 4.43 -15.72 -13.42
CA THR B 206 4.08 -15.81 -11.99
C THR B 206 4.48 -14.52 -11.26
N LEU B 207 3.61 -14.07 -10.37
CA LEU B 207 3.87 -12.78 -9.67
C LEU B 207 3.66 -13.05 -8.20
N GLY B 208 4.72 -12.92 -7.40
CA GLY B 208 4.64 -13.00 -5.94
C GLY B 208 4.02 -14.31 -5.50
N THR B 209 4.38 -15.46 -6.11
CA THR B 209 3.93 -16.79 -5.59
C THR B 209 5.14 -17.72 -5.49
N SER B 210 5.25 -18.51 -4.41
CA SER B 210 6.39 -19.46 -4.20
C SER B 210 6.14 -20.78 -4.97
N LEU B 211 4.94 -20.95 -5.56
CA LEU B 211 4.56 -22.05 -6.48
C LEU B 211 4.69 -23.40 -5.77
N GLN B 212 4.40 -23.44 -4.47
CA GLN B 212 4.59 -24.61 -3.59
C GLN B 212 3.29 -25.41 -3.48
N ILE B 213 2.16 -24.86 -3.93
CA ILE B 213 0.84 -25.49 -3.62
C ILE B 213 0.38 -26.20 -4.90
N ARG B 214 -0.02 -27.47 -4.76
CA ARG B 214 -0.43 -28.37 -5.88
C ARG B 214 -1.95 -28.37 -5.86
N PRO B 215 -2.67 -28.25 -7.01
CA PRO B 215 -2.07 -28.07 -8.32
C PRO B 215 -1.87 -26.63 -8.80
N SER B 216 -2.18 -25.62 -7.98
CA SER B 216 -2.12 -24.18 -8.38
C SER B 216 -0.69 -23.80 -8.81
N GLY B 217 0.30 -24.21 -8.02
CA GLY B 217 1.70 -23.89 -8.30
C GLY B 217 2.24 -24.62 -9.51
N ASN B 218 1.53 -25.61 -10.08
CA ASN B 218 2.05 -26.34 -11.26
C ASN B 218 1.35 -25.93 -12.58
N LEU B 219 0.31 -25.14 -12.55
CA LEU B 219 -0.34 -24.65 -13.81
C LEU B 219 0.68 -23.92 -14.69
N PRO B 220 1.57 -23.06 -14.16
CA PRO B 220 2.55 -22.39 -15.02
C PRO B 220 3.38 -23.41 -15.81
N LEU B 221 3.77 -24.52 -15.19
CA LEU B 221 4.64 -25.55 -15.81
C LEU B 221 3.96 -26.13 -17.05
N ALA B 222 2.64 -26.26 -17.02
CA ALA B 222 1.84 -26.77 -18.16
C ALA B 222 2.00 -25.88 -19.41
N THR B 223 2.50 -24.65 -19.26
CA THR B 223 2.77 -23.73 -20.42
C THR B 223 4.02 -24.25 -21.17
N LYS B 224 5.00 -24.80 -20.46
CA LYS B 224 6.23 -25.27 -21.12
C LYS B 224 5.91 -26.32 -22.20
N ARG B 225 5.03 -27.28 -21.92
CA ARG B 225 4.56 -28.31 -22.90
C ARG B 225 4.21 -27.62 -24.24
N ARG B 226 4.74 -28.13 -25.35
CA ARG B 226 4.65 -27.51 -26.70
C ARG B 226 5.26 -26.09 -26.67
N GLY B 227 6.32 -25.91 -25.88
CA GLY B 227 7.34 -24.87 -26.09
C GLY B 227 6.87 -23.49 -25.67
N GLY B 228 5.93 -23.40 -24.73
CA GLY B 228 5.55 -22.13 -24.08
C GLY B 228 6.65 -21.63 -23.16
N ARG B 229 6.73 -20.32 -22.95
CA ARG B 229 7.79 -19.68 -22.11
C ARG B 229 7.19 -19.40 -20.74
N LEU B 230 8.05 -19.42 -19.73
CA LEU B 230 7.66 -19.25 -18.31
C LEU B 230 8.59 -18.19 -17.70
N VAL B 231 7.99 -17.17 -17.08
CA VAL B 231 8.72 -16.14 -16.31
C VAL B 231 8.20 -16.20 -14.88
N ILE B 232 9.13 -16.14 -13.95
CA ILE B 232 8.88 -16.14 -12.49
C ILE B 232 9.44 -14.81 -11.97
N VAL B 233 8.58 -14.07 -11.27
CA VAL B 233 8.96 -12.81 -10.57
C VAL B 233 8.65 -13.06 -9.11
N ASN B 234 9.68 -13.07 -8.26
CA ASN B 234 9.58 -13.44 -6.81
C ASN B 234 10.86 -13.00 -6.08
N LEU B 235 10.75 -12.61 -4.83
CA LEU B 235 11.91 -12.19 -4.01
C LEU B 235 12.66 -13.44 -3.50
N GLN B 236 11.94 -14.46 -3.04
CA GLN B 236 12.51 -15.76 -2.61
C GLN B 236 12.58 -16.73 -3.78
N PRO B 237 13.38 -17.82 -3.64
CA PRO B 237 13.34 -18.94 -4.58
C PRO B 237 11.95 -19.57 -4.67
N THR B 238 11.69 -20.35 -5.71
CA THR B 238 10.38 -21.05 -5.93
C THR B 238 10.65 -22.50 -6.33
N LYS B 239 9.72 -23.39 -6.02
CA LYS B 239 9.82 -24.82 -6.41
C LYS B 239 10.38 -24.88 -7.84
N HIS B 240 9.80 -24.12 -8.79
CA HIS B 240 9.97 -24.33 -10.26
C HIS B 240 10.96 -23.37 -10.92
N ASP B 241 11.89 -22.76 -10.18
CA ASP B 241 12.87 -21.78 -10.75
C ASP B 241 13.61 -22.42 -11.94
N ARG B 242 13.89 -23.71 -11.79
CA ARG B 242 14.63 -24.57 -12.73
C ARG B 242 13.98 -24.47 -14.11
N HIS B 243 12.66 -24.47 -14.16
CA HIS B 243 11.88 -24.58 -15.43
C HIS B 243 11.72 -23.22 -16.13
N ALA B 244 12.16 -22.10 -15.53
CA ALA B 244 11.85 -20.71 -15.96
C ALA B 244 12.83 -20.22 -17.02
N ASP B 245 12.34 -19.55 -18.07
CA ASP B 245 13.20 -18.91 -19.10
C ASP B 245 13.78 -17.60 -18.53
N LEU B 246 13.08 -16.98 -17.56
CA LEU B 246 13.53 -15.70 -16.97
C LEU B 246 13.04 -15.63 -15.53
N ARG B 247 13.93 -15.42 -14.55
CA ARG B 247 13.58 -15.25 -13.11
C ARG B 247 13.95 -13.81 -12.78
N ILE B 248 13.04 -13.09 -12.16
CA ILE B 248 13.24 -11.64 -11.82
C ILE B 248 13.04 -11.55 -10.32
N HIS B 249 14.13 -11.27 -9.63
CA HIS B 249 14.21 -11.17 -8.16
C HIS B 249 14.18 -9.66 -7.89
N GLY B 250 12.96 -9.15 -7.78
CA GLY B 250 12.67 -7.77 -7.34
C GLY B 250 11.27 -7.65 -6.77
N TYR B 251 10.94 -6.46 -6.26
CA TYR B 251 9.54 -6.12 -5.88
C TYR B 251 8.70 -6.09 -7.14
N VAL B 252 7.59 -6.88 -7.12
CA VAL B 252 6.61 -6.93 -8.23
C VAL B 252 6.18 -5.51 -8.61
N ASP B 253 5.94 -4.57 -7.70
CA ASP B 253 5.45 -3.24 -8.18
C ASP B 253 6.51 -2.57 -9.05
N GLU B 254 7.78 -2.67 -8.68
CA GLU B 254 8.85 -2.06 -9.47
C GLU B 254 8.92 -2.72 -10.87
N VAL B 255 8.92 -4.03 -10.93
CA VAL B 255 8.95 -4.82 -12.20
C VAL B 255 7.80 -4.39 -13.09
N MET B 256 6.61 -4.31 -12.52
CA MET B 256 5.40 -4.06 -13.32
C MET B 256 5.37 -2.60 -13.75
N THR B 257 5.81 -1.66 -12.90
CA THR B 257 5.82 -0.23 -13.28
C THR B 257 6.79 -0.05 -14.44
N ARG B 258 7.96 -0.70 -14.41
CA ARG B 258 8.94 -0.59 -15.53
C ARG B 258 8.40 -1.32 -16.79
N LEU B 259 7.79 -2.48 -16.60
CA LEU B 259 7.18 -3.23 -17.74
C LEU B 259 6.17 -2.34 -18.47
N MET B 260 5.21 -1.78 -17.75
CA MET B 260 4.14 -0.89 -18.26
C MET B 260 4.74 0.31 -18.98
N LYS B 261 5.82 0.89 -18.48
CA LYS B 261 6.52 2.03 -19.16
C LYS B 261 7.14 1.52 -20.47
N HIS B 262 7.76 0.34 -20.46
CA HIS B 262 8.31 -0.27 -21.71
C HIS B 262 7.20 -0.45 -22.72
N LEU B 263 5.99 -0.79 -22.26
CA LEU B 263 4.85 -1.18 -23.13
C LEU B 263 4.11 0.08 -23.58
N GLY B 264 4.45 1.24 -23.00
CA GLY B 264 3.78 2.52 -23.24
C GLY B 264 2.43 2.58 -22.61
N LEU B 265 2.19 1.91 -21.48
CA LEU B 265 0.84 1.98 -20.85
C LEU B 265 0.87 2.69 -19.49
N GLU B 266 -0.20 3.42 -19.21
CA GLU B 266 -0.52 4.04 -17.89
C GLU B 266 -1.07 2.96 -16.95
N ILE B 267 -0.75 3.06 -15.68
CA ILE B 267 -1.43 2.29 -14.62
C ILE B 267 -2.61 3.17 -14.25
N PRO B 268 -3.83 2.67 -14.53
CA PRO B 268 -5.06 3.45 -14.33
C PRO B 268 -5.35 3.64 -12.84
N ALA B 269 -6.14 4.68 -12.59
CA ALA B 269 -6.60 5.18 -11.29
C ALA B 269 -7.64 4.18 -10.76
N TRP B 270 -7.65 3.91 -9.44
CA TRP B 270 -8.66 3.02 -8.81
C TRP B 270 -9.78 3.86 -8.19
N ASP B 271 -11.03 3.63 -8.60
CA ASP B 271 -12.26 4.37 -8.24
C ASP B 271 -12.79 4.04 -6.84
N GLY B 272 -12.26 3.03 -6.14
CA GLY B 272 -12.94 2.38 -5.01
C GLY B 272 -13.46 1.02 -5.45
N PRO B 273 -14.06 0.20 -4.57
CA PRO B 273 -14.38 -1.18 -4.92
C PRO B 273 -15.45 -1.25 -6.00
N ARG B 274 -15.13 -1.90 -7.13
CA ARG B 274 -16.03 -2.07 -8.29
C ARG B 274 -16.03 -3.53 -8.71
N VAL B 275 -17.17 -4.09 -9.12
CA VAL B 275 -17.26 -5.51 -9.60
C VAL B 275 -17.58 -5.51 -11.08
N LEU B 276 -16.74 -6.14 -11.87
CA LEU B 276 -17.02 -6.28 -13.30
C LEU B 276 -17.27 -7.76 -13.59
N GLU B 277 -18.51 -8.19 -13.72
CA GLU B 277 -18.77 -9.62 -14.03
C GLU B 277 -18.10 -10.00 -15.36
N ARG B 278 -18.12 -9.12 -16.38
CA ARG B 278 -17.80 -9.52 -17.76
C ARG B 278 -16.81 -8.57 -18.41
N ALA B 279 -15.79 -9.14 -19.07
CA ALA B 279 -14.82 -8.38 -19.87
C ALA B 279 -15.56 -7.48 -20.86
N LEU B 280 -15.06 -6.25 -20.99
CA LEU B 280 -15.51 -5.22 -21.95
C LEU B 280 -14.66 -5.34 -23.20
N PRO B 281 -15.14 -4.78 -24.33
CA PRO B 281 -14.40 -4.84 -25.59
C PRO B 281 -13.01 -4.25 -25.45
N PRO B 282 -11.97 -4.90 -26.04
CA PRO B 282 -10.61 -4.35 -26.07
C PRO B 282 -10.44 -2.88 -26.48
N LEU B 283 -9.64 -2.15 -25.70
CA LEU B 283 -9.20 -0.76 -26.00
C LEU B 283 -7.98 -0.76 -26.91
N PRO B 284 -7.65 0.39 -27.52
CA PRO B 284 -6.46 0.52 -28.34
C PRO B 284 -5.21 0.31 -27.47
N ARG B 285 -4.13 -0.25 -28.04
CA ARG B 285 -2.80 -0.28 -27.39
C ARG B 285 -1.74 0.28 -28.33
N PRO B 286 -0.53 0.59 -27.81
CA PRO B 286 0.53 1.13 -28.67
C PRO B 286 0.95 0.13 -29.73
N PRO B 287 1.49 0.59 -30.87
CA PRO B 287 2.15 -0.33 -31.79
C PRO B 287 3.31 -1.10 -31.17
N THR B 288 3.70 -2.21 -31.78
CA THR B 288 4.74 -3.12 -31.23
C THR B 288 6.10 -2.75 -31.79
N PRO B 289 7.17 -2.76 -30.97
CA PRO B 289 8.53 -2.63 -31.48
C PRO B 289 8.90 -3.73 -32.48
N LYS B 290 9.91 -3.47 -33.30
CA LYS B 290 10.55 -4.48 -34.20
C LYS B 290 11.33 -5.49 -33.36
N1 AR6 C . -3.08 2.80 11.20
C2 AR6 C . -2.93 3.40 12.41
N3 AR6 C . -1.87 3.37 13.23
C4 AR6 C . -0.82 2.76 12.67
C5 AR6 C . -0.82 2.07 11.48
C6 AR6 C . -2.01 2.10 10.70
N6 AR6 C . -2.15 1.56 9.48
N7 AR6 C . 0.45 1.52 11.29
C8 AR6 C . 1.17 1.92 12.31
N9 AR6 C . 0.42 2.58 13.25
PA AR6 C . 6.41 5.31 15.56
PB AR6 C . 6.95 8.05 14.54
C1' AR6 C . 0.90 3.16 14.54
O1A AR6 C . 6.85 5.73 16.94
O1B AR6 C . 6.66 8.63 13.21
C1D AR6 C . 12.20 7.63 14.66
O1D AR6 C . 13.31 7.43 15.45
C2' AR6 C . 1.79 2.34 15.45
O2' AR6 C . 1.00 1.68 16.38
O2A AR6 C . 6.83 3.97 15.02
O2B AR6 C . 6.17 8.45 15.75
C2D AR6 C . 12.34 8.48 13.40
O2D AR6 C . 13.10 9.67 13.55
C3' AR6 C . 2.72 3.38 16.14
O3' AR6 C . 2.27 3.67 17.46
O3A AR6 C . 6.87 6.41 14.47
C3D AR6 C . 10.88 8.92 13.21
O3D AR6 C . 10.73 10.11 12.46
C4' AR6 C . 2.63 4.61 15.23
O4' AR6 C . 1.71 4.25 14.19
C4D AR6 C . 10.54 9.30 14.65
O4D AR6 C . 11.25 8.36 15.46
C5' AR6 C . 3.88 5.14 14.59
O5' AR6 C . 4.85 5.50 15.62
C5D AR6 C . 9.11 9.33 15.09
O5D AR6 C . 8.52 8.06 14.81
ZN ZN D . 24.14 26.27 -4.05
C1 EDO E . 15.42 -2.36 1.03
O1 EDO E . 14.87 -2.48 -0.28
C2 EDO E . 15.11 -1.04 1.68
O2 EDO E . 14.11 -0.29 1.02
C1 EDO F . 15.61 11.72 14.19
O1 EDO F . 16.34 10.44 14.15
C2 EDO F . 14.95 12.00 15.51
O2 EDO F . 15.17 13.37 16.00
C1 EDO G . -7.05 -7.53 10.65
O1 EDO G . -7.12 -6.68 11.78
C2 EDO G . -8.34 -7.56 9.92
O2 EDO G . -8.26 -8.13 8.63
S SO4 H . -32.85 25.18 11.79
O1 SO4 H . -31.66 25.03 12.57
O2 SO4 H . -33.88 25.73 12.63
O3 SO4 H . -33.27 23.87 11.31
O4 SO4 H . -32.59 26.07 10.66
S SO4 I . -10.82 5.76 24.44
O1 SO4 I . -10.53 5.77 25.85
O2 SO4 I . -10.06 6.80 23.80
O3 SO4 I . -12.22 5.99 24.22
O4 SO4 I . -10.46 4.48 23.89
S SO4 J . 0.85 31.04 22.36
O1 SO4 J . 2.09 30.55 22.90
O2 SO4 J . 0.19 31.85 23.34
O3 SO4 J . 0.02 29.91 22.00
O4 SO4 J . 1.09 31.83 21.19
S SO4 K . 9.57 20.82 23.48
O1 SO4 K . 9.67 21.05 24.90
O2 SO4 K . 8.79 21.87 22.85
O3 SO4 K . 8.90 19.57 23.25
O4 SO4 K . 10.89 20.78 22.90
O01 HWB L . 17.52 -1.35 7.66
C02 HWB L . 17.51 0.04 7.42
C03 HWB L . 18.68 0.76 7.11
C04 HWB L . 18.64 2.14 6.89
O05 HWB L . 19.84 2.81 6.58
C06 HWB L . 17.36 2.82 6.97
C07 HWB L . 17.13 4.26 6.77
C08 HWB L . 15.79 4.80 6.89
O09 HWB L . 15.59 6.17 6.71
C10 HWB L . 14.74 3.90 7.20
O11 HWB L . 15.03 2.64 7.38
C12 HWB L . 16.24 2.09 7.27
C13 HWB L . 16.29 0.69 7.51
C14 HWB L . 13.24 4.13 7.41
C15 HWB L . 12.64 3.14 8.18
C16 HWB L . 11.28 3.09 8.50
C17 HWB L . 10.52 4.14 8.06
O18 HWB L . 9.21 4.14 8.46
C19 HWB L . 11.08 5.23 7.38
O20 HWB L . 10.25 6.29 6.99
C21 HWB L . 12.44 5.20 7.02
N1 AR6 M . 7.50 -8.54 -4.72
C2 AR6 M . 7.91 -9.77 -5.09
N3 AR6 M . 7.84 -10.93 -4.43
C4 AR6 M . 7.22 -10.75 -3.25
C5 AR6 M . 6.78 -9.56 -2.71
C6 AR6 M . 6.91 -8.41 -3.50
N6 AR6 M . 6.44 -7.20 -3.15
N7 AR6 M . 6.20 -9.80 -1.47
C8 AR6 M . 6.33 -11.10 -1.29
N9 AR6 M . 6.97 -11.71 -2.31
PA AR6 M . 3.68 -17.48 -0.47
PB AR6 M . 1.39 -18.11 -2.15
C1' AR6 M . 7.20 -13.16 -2.48
O1A AR6 M . 3.91 -18.94 -0.44
O1B AR6 M . 0.26 -17.21 -2.53
C1D AR6 M . -1.28 -20.69 1.38
O1D AR6 M . -1.59 -21.79 2.13
C2' AR6 M . 7.84 -13.94 -1.35
O2' AR6 M . 9.23 -14.02 -1.59
O2A AR6 M . 3.83 -16.57 0.74
O2B AR6 M . 2.37 -18.56 -3.18
C2D AR6 M . -2.58 -20.08 0.89
O2D AR6 M . -3.56 -21.03 0.56
C3' AR6 M . 7.15 -15.33 -1.42
O3' AR6 M . 8.05 -16.25 -2.04
O3A AR6 M . 2.16 -17.32 -0.97
C3D AR6 M . -2.16 -19.39 -0.38
O3D AR6 M . -3.29 -19.16 -1.20
C4' AR6 M . 5.91 -15.09 -2.29
O4' AR6 M . 5.91 -13.69 -2.60
C4D AR6 M . -1.25 -20.49 -0.94
O4D AR6 M . -0.58 -21.07 0.20
C5' AR6 M . 4.57 -15.40 -1.70
O5' AR6 M . 4.42 -16.86 -1.69
C5D AR6 M . -0.22 -20.07 -1.94
O5D AR6 M . 0.78 -19.28 -1.29
ZN ZN N . -29.70 -20.20 -4.67
C1 EDO O . -13.14 -0.55 -21.03
O1 EDO O . -14.12 0.15 -21.74
C2 EDO O . -12.35 -1.29 -21.99
O2 EDO O . -11.72 -2.38 -21.36
S SO4 P . 5.51 -6.82 8.33
O1 SO4 P . 4.33 -6.68 9.10
O2 SO4 P . 6.12 -5.52 8.22
O3 SO4 P . 5.22 -7.36 7.06
O4 SO4 P . 6.43 -7.67 9.05
S SO4 Q . 18.79 -16.27 -11.85
O1 SO4 Q . 19.09 -14.86 -11.81
O2 SO4 Q . 19.88 -17.02 -11.26
O3 SO4 Q . 18.60 -16.67 -13.20
O4 SO4 Q . 17.59 -16.54 -11.09
S SO4 R . 13.44 -2.85 -41.04
O1 SO4 R . 14.28 -1.78 -41.47
O2 SO4 R . 13.83 -3.25 -39.72
O3 SO4 R . 12.06 -2.41 -41.02
O4 SO4 R . 13.57 -3.96 -41.95
S SO4 S . -1.18 -31.33 -10.16
O1 SO4 S . -1.76 -31.74 -8.91
O2 SO4 S . -0.23 -30.27 -9.92
O3 SO4 S . -2.20 -30.86 -11.06
O4 SO4 S . -0.50 -32.45 -10.74
S SO4 T . -5.16 5.63 -7.81
O1 SO4 T . -5.94 6.61 -8.54
O2 SO4 T . -3.86 6.17 -7.51
O3 SO4 T . -5.81 5.30 -6.57
O4 SO4 T . -5.02 4.42 -8.60
S SO4 U . -17.30 0.31 -24.30
O1 SO4 U . -16.75 1.17 -25.32
O2 SO4 U . -16.27 -0.03 -23.35
O3 SO4 U . -18.37 0.99 -23.62
O4 SO4 U . -17.80 -0.89 -24.91
O01 HWB V . -3.76 -14.62 12.04
C02 HWB V . -4.68 -14.89 11.02
C03 HWB V . -5.94 -15.44 11.28
C04 HWB V . -6.84 -15.71 10.24
O05 HWB V . -8.09 -16.26 10.52
C06 HWB V . -6.45 -15.40 8.89
C07 HWB V . -7.30 -15.65 7.71
C08 HWB V . -6.80 -15.29 6.41
O09 HWB V . -7.57 -15.51 5.26
C10 HWB V . -5.50 -14.76 6.33
O11 HWB V . -4.81 -14.58 7.43
C12 HWB V . -5.22 -14.87 8.66
C13 HWB V . -4.31 -14.60 9.73
C14 HWB V . -4.71 -14.28 5.10
C15 HWB V . -3.41 -13.96 5.39
C16 HWB V . -2.50 -13.54 4.47
C17 HWB V . -2.94 -13.28 3.19
O18 HWB V . -1.92 -12.85 2.40
C19 HWB V . -4.26 -13.59 2.81
O20 HWB V . -4.76 -13.36 1.51
C21 HWB V . -5.17 -14.06 3.80
#